data_8FB1
#
_entry.id   8FB1
#
_cell.length_a   47.160
_cell.length_b   96.486
_cell.length_c   56.797
_cell.angle_alpha   90.00
_cell.angle_beta   91.30
_cell.angle_gamma   90.00
#
_symmetry.space_group_name_H-M   'P 1 21 1'
#
loop_
_entity.id
_entity.type
_entity.pdbx_description
1 polymer 'Nuclear receptor ROR-gamma'
2 non-polymer N-(3-{[(3S)-4-(cyclopentanecarbonyl)-3-methylpiperazin-1-yl]methyl}-5-fluoro-2-methylphenyl)-4-fluorobenzene-1-sulfonamide
3 non-polymer '4-{1-[2-chloro-6-(trifluoromethyl)benzoyl]-4-fluoro-1H-indazol-3-yl}-3-fluorobenzoic acid'
4 water water
#
_entity_poly.entity_id   1
_entity_poly.type   'polypeptide(L)'
_entity_poly.pdbx_seq_one_letter_code
;SMPTPEAPYASLTEIEHLVQSVSKSYRETCQLRLEDLLRQRSNIFSREEVTGYQRKSMWEMWERCAHHLTEAIQYVVEFA
KRLSGFMELSQNDQIVLLKAGAMEVVLVRMCRAYNADNRTVFFEGKYGGMELFRALGCSELISSIFDFSHSLSALHFSED
EIALYTALVLINAHRPGLQEKRKVEQLQYNLELAFHHHLCKTHRQSILAKLPPKGKLRSLCSQHVERLQIFQHLHPIVVQ
AAFPPLYKELFSTETESPVGLS
;
_entity_poly.pdbx_strand_id   A,B
#
# COMPACT_ATOMS: atom_id res chain seq x y z
N PRO A 5 8.95 15.99 -0.69
CA PRO A 5 9.02 16.40 0.72
C PRO A 5 9.51 15.26 1.66
N GLU A 6 9.41 15.50 2.98
CA GLU A 6 9.70 14.45 4.01
C GLU A 6 8.51 14.34 5.03
N ALA A 7 7.32 14.79 4.61
CA ALA A 7 6.19 15.04 5.53
C ALA A 7 5.41 13.74 5.85
N PRO A 8 4.69 13.71 7.02
CA PRO A 8 3.83 12.57 7.36
C PRO A 8 2.53 12.55 6.54
N TYR A 9 1.75 11.48 6.68
CA TYR A 9 0.45 11.34 5.99
C TYR A 9 0.60 11.50 4.46
N ALA A 10 1.65 10.85 3.90
CA ALA A 10 1.96 10.95 2.46
C ALA A 10 0.80 10.41 1.64
N SER A 11 0.16 11.31 0.89
CA SER A 11 -1.06 10.96 0.13
C SER A 11 -0.74 10.00 -1.01
N LEU A 12 -1.80 9.43 -1.61
CA LEU A 12 -1.65 8.61 -2.84
C LEU A 12 -1.00 9.41 -3.97
N THR A 13 -1.33 10.71 -4.04
CA THR A 13 -0.72 11.62 -5.03
C THR A 13 0.80 11.68 -4.86
N GLU A 14 1.24 11.94 -3.62
CA GLU A 14 2.70 12.00 -3.30
C GLU A 14 3.39 10.66 -3.51
N ILE A 15 2.70 9.56 -3.16
CA ILE A 15 3.26 8.22 -3.29
C ILE A 15 3.48 7.84 -4.78
N GLU A 16 2.47 8.05 -5.61
CA GLU A 16 2.55 7.72 -7.05
C GLU A 16 3.56 8.62 -7.80
N HIS A 17 3.65 9.90 -7.38
CA HIS A 17 4.67 10.82 -7.96
C HIS A 17 6.09 10.48 -7.51
N LEU A 18 6.23 10.00 -6.27
CA LEU A 18 7.52 9.51 -5.79
C LEU A 18 8.03 8.33 -6.69
N VAL A 19 7.10 7.41 -7.03
CA VAL A 19 7.41 6.26 -7.93
C VAL A 19 7.89 6.76 -9.32
N GLN A 20 7.11 7.63 -9.95
CA GLN A 20 7.42 8.14 -11.32
C GLN A 20 8.69 9.00 -11.35
N SER A 21 8.91 9.75 -10.28
CA SER A 21 10.09 10.64 -10.16
C SER A 21 11.37 9.81 -10.00
N VAL A 22 11.32 8.84 -9.08
CA VAL A 22 12.45 7.92 -8.86
C VAL A 22 12.76 7.11 -10.12
N SER A 23 11.71 6.63 -10.80
CA SER A 23 11.86 5.84 -12.05
C SER A 23 12.49 6.70 -13.18
N LYS A 24 12.05 7.96 -13.28
CA LYS A 24 12.64 8.91 -14.24
C LYS A 24 14.14 9.15 -13.92
N SER A 25 14.43 9.40 -12.63
CA SER A 25 15.81 9.64 -12.17
C SER A 25 16.71 8.44 -12.46
N TYR A 26 16.14 7.23 -12.34
CA TYR A 26 16.89 5.99 -12.60
C TYR A 26 17.33 5.89 -14.09
N ARG A 27 16.36 5.96 -15.01
CA ARG A 27 16.65 5.79 -16.47
C ARG A 27 17.54 6.91 -17.04
N GLU A 28 17.38 8.13 -16.51
CA GLU A 28 18.20 9.29 -16.97
C GLU A 28 19.65 9.27 -16.38
N THR A 29 19.92 8.38 -15.38
CA THR A 29 21.29 8.19 -14.85
C THR A 29 21.84 6.74 -15.13
N CYS A 30 21.28 6.05 -16.14
CA CYS A 30 21.84 4.78 -16.61
C CYS A 30 22.74 5.01 -17.83
N GLN A 31 24.04 4.68 -17.69
CA GLN A 31 25.01 4.78 -18.83
C GLN A 31 24.48 4.10 -20.07
N LEU A 32 23.96 2.88 -19.90
CA LEU A 32 23.40 2.09 -20.99
C LEU A 32 21.90 1.92 -20.78
N ARG A 33 21.12 2.23 -21.82
CA ARG A 33 19.66 1.99 -21.80
C ARG A 33 19.39 0.48 -21.82
N LEU A 34 18.30 0.06 -21.17
CA LEU A 34 17.96 -1.38 -21.02
C LEU A 34 17.84 -2.08 -22.39
N GLU A 35 17.19 -1.41 -23.35
CA GLU A 35 16.98 -1.98 -24.72
C GLU A 35 18.32 -2.22 -25.47
N ASP A 36 19.30 -1.32 -25.26
CA ASP A 36 20.65 -1.48 -25.88
C ASP A 36 21.44 -2.64 -25.22
N LEU A 37 21.31 -2.80 -23.90
CA LEU A 37 21.95 -3.94 -23.17
C LEU A 37 21.38 -5.29 -23.62
N LEU A 38 20.04 -5.36 -23.71
CA LEU A 38 19.35 -6.61 -24.19
C LEU A 38 19.69 -6.93 -25.66
N ARG A 39 19.73 -5.88 -26.51
CA ARG A 39 20.03 -6.04 -27.97
C ARG A 39 21.50 -6.48 -28.22
N GLN A 40 22.42 -6.08 -27.32
CA GLN A 40 23.88 -6.42 -27.45
C GLN A 40 24.26 -7.86 -26.93
N ARG A 41 23.27 -8.61 -26.39
CA ARG A 41 23.52 -10.00 -25.81
C ARG A 41 24.14 -10.98 -26.85
N SER A 42 23.66 -10.91 -28.10
CA SER A 42 24.20 -11.77 -29.20
C SER A 42 25.65 -11.36 -29.62
N ASN A 43 26.04 -10.10 -29.30
CA ASN A 43 27.41 -9.62 -29.58
C ASN A 43 28.39 -10.08 -28.47
N ILE A 44 28.96 -11.28 -28.67
CA ILE A 44 29.82 -11.93 -27.66
C ILE A 44 31.28 -11.92 -28.13
N PHE A 45 32.22 -11.69 -27.19
CA PHE A 45 33.67 -11.71 -27.49
C PHE A 45 34.10 -13.09 -28.02
N SER A 46 34.89 -13.08 -29.11
CA SER A 46 35.50 -14.31 -29.65
C SER A 46 36.62 -14.80 -28.72
N ARG A 47 37.15 -16.00 -29.01
CA ARG A 47 38.23 -16.60 -28.19
C ARG A 47 39.55 -15.80 -28.27
N GLU A 48 39.86 -15.25 -29.47
CA GLU A 48 41.08 -14.40 -29.65
C GLU A 48 40.98 -13.07 -28.87
N GLU A 49 39.78 -12.47 -28.84
CA GLU A 49 39.54 -11.22 -28.07
C GLU A 49 39.64 -11.47 -26.55
N VAL A 50 39.05 -12.58 -26.08
CA VAL A 50 39.16 -13.01 -24.65
C VAL A 50 40.65 -13.26 -24.26
N THR A 51 41.40 -13.91 -25.15
CA THR A 51 42.85 -14.12 -24.97
C THR A 51 43.62 -12.76 -24.95
N GLY A 52 43.17 -11.81 -25.79
CA GLY A 52 43.69 -10.43 -25.78
C GLY A 52 43.55 -9.78 -24.41
N TYR A 53 42.38 -9.97 -23.77
CA TYR A 53 42.13 -9.43 -22.39
C TYR A 53 42.96 -10.17 -21.33
N GLN A 54 43.05 -11.49 -21.46
CA GLN A 54 43.83 -12.32 -20.49
C GLN A 54 45.37 -12.06 -20.57
N ARG A 55 45.86 -11.61 -21.75
CA ARG A 55 47.31 -11.29 -21.95
C ARG A 55 47.66 -9.82 -21.58
N LYS A 56 46.63 -8.99 -21.33
CA LYS A 56 46.84 -7.63 -20.71
C LYS A 56 47.37 -7.77 -19.28
N SER A 57 48.18 -6.81 -18.85
CA SER A 57 48.76 -6.82 -17.51
C SER A 57 47.67 -6.58 -16.44
N MET A 58 47.99 -6.95 -15.19
CA MET A 58 47.13 -6.67 -14.03
C MET A 58 46.72 -5.19 -13.96
N TRP A 59 47.68 -4.29 -14.22
CA TRP A 59 47.44 -2.83 -14.08
C TRP A 59 46.59 -2.26 -15.22
N GLU A 60 46.73 -2.80 -16.43
CA GLU A 60 45.92 -2.35 -17.58
C GLU A 60 44.42 -2.68 -17.35
N MET A 61 44.15 -3.92 -16.88
CA MET A 61 42.76 -4.35 -16.56
C MET A 61 42.23 -3.60 -15.35
N TRP A 62 43.09 -3.39 -14.34
CA TRP A 62 42.73 -2.59 -13.16
C TRP A 62 42.33 -1.16 -13.57
N GLU A 63 43.11 -0.56 -14.47
CA GLU A 63 42.82 0.84 -14.97
C GLU A 63 41.51 0.92 -15.71
N ARG A 64 41.25 -0.06 -16.60
CA ARG A 64 39.96 -0.13 -17.35
C ARG A 64 38.79 -0.26 -16.40
N CYS A 65 38.87 -1.27 -15.49
CA CYS A 65 37.75 -1.57 -14.54
C CYS A 65 37.49 -0.43 -13.59
N ALA A 66 38.57 0.12 -13.04
CA ALA A 66 38.49 1.24 -12.08
C ALA A 66 37.85 2.48 -12.69
N HIS A 67 38.22 2.80 -13.94
CA HIS A 67 37.66 4.01 -14.64
C HIS A 67 36.16 3.85 -14.96
N HIS A 68 35.74 2.62 -15.28
CA HIS A 68 34.31 2.33 -15.53
C HIS A 68 33.49 2.33 -14.23
N LEU A 69 34.09 1.80 -13.14
CA LEU A 69 33.46 1.86 -11.82
C LEU A 69 33.34 3.32 -11.31
N THR A 70 34.36 4.14 -11.59
CA THR A 70 34.30 5.60 -11.27
C THR A 70 33.08 6.27 -11.92
N GLU A 71 32.86 5.97 -13.22
CA GLU A 71 31.68 6.51 -13.97
C GLU A 71 30.37 5.98 -13.39
N ALA A 72 30.30 4.65 -13.18
CA ALA A 72 29.11 4.02 -12.55
C ALA A 72 28.75 4.70 -11.22
N ILE A 73 29.76 4.98 -10.40
CA ILE A 73 29.55 5.67 -9.10
C ILE A 73 29.04 7.12 -9.30
N GLN A 74 29.64 7.82 -10.25
CA GLN A 74 29.24 9.23 -10.54
C GLN A 74 27.79 9.32 -10.98
N TYR A 75 27.35 8.36 -11.81
CA TYR A 75 25.94 8.26 -12.22
C TYR A 75 25.00 7.99 -11.01
N VAL A 76 25.45 7.12 -10.09
CA VAL A 76 24.67 6.84 -8.88
C VAL A 76 24.56 8.08 -7.94
N VAL A 77 25.62 8.88 -7.87
CA VAL A 77 25.58 10.13 -7.07
C VAL A 77 24.58 11.14 -7.71
N GLU A 78 24.52 11.19 -9.06
CA GLU A 78 23.48 12.01 -9.78
C GLU A 78 22.09 11.52 -9.45
N PHE A 79 21.91 10.17 -9.48
CA PHE A 79 20.65 9.53 -9.10
C PHE A 79 20.23 9.94 -7.67
N ALA A 80 21.17 9.84 -6.73
CA ALA A 80 20.91 10.17 -5.31
C ALA A 80 20.51 11.63 -5.14
N LYS A 81 21.21 12.52 -5.87
CA LYS A 81 20.92 13.99 -5.81
C LYS A 81 19.53 14.37 -6.42
N ARG A 82 18.95 13.46 -7.23
CA ARG A 82 17.57 13.65 -7.78
C ARG A 82 16.45 13.14 -6.81
N LEU A 83 16.82 12.29 -5.83
CA LEU A 83 15.85 11.77 -4.85
C LEU A 83 15.42 12.88 -3.92
N SER A 84 14.09 13.06 -3.79
CA SER A 84 13.52 14.23 -3.06
C SER A 84 13.90 14.19 -1.59
N GLY A 85 14.42 15.33 -1.09
CA GLY A 85 14.89 15.42 0.28
C GLY A 85 16.41 15.24 0.42
N PHE A 86 17.04 14.52 -0.56
CA PHE A 86 18.47 14.13 -0.43
C PHE A 86 19.42 15.38 -0.39
N MET A 87 19.26 16.28 -1.35
CA MET A 87 20.08 17.52 -1.39
C MET A 87 19.73 18.51 -0.23
N GLU A 88 18.53 18.35 0.37
CA GLU A 88 18.13 19.14 1.58
C GLU A 88 18.83 18.63 2.89
N LEU A 89 19.35 17.38 2.86
CA LEU A 89 20.18 16.83 3.98
C LEU A 89 21.52 17.56 4.06
N SER A 90 22.18 17.48 5.22
CA SER A 90 23.54 18.08 5.40
C SER A 90 24.56 17.36 4.53
N GLN A 91 25.69 18.05 4.25
CA GLN A 91 26.77 17.45 3.41
C GLN A 91 27.36 16.19 4.08
N ASN A 92 27.50 16.25 5.43
CA ASN A 92 27.90 15.06 6.22
C ASN A 92 26.99 13.83 5.94
N ASP A 93 25.67 14.04 6.01
CA ASP A 93 24.68 12.94 5.85
C ASP A 93 24.60 12.43 4.40
N GLN A 94 24.68 13.36 3.43
CA GLN A 94 24.81 13.00 1.99
C GLN A 94 26.03 12.09 1.75
N ILE A 95 27.17 12.47 2.32
CA ILE A 95 28.42 11.70 2.16
C ILE A 95 28.35 10.32 2.92
N VAL A 96 27.72 10.31 4.11
CA VAL A 96 27.53 9.05 4.88
C VAL A 96 26.65 8.02 4.08
N LEU A 97 25.57 8.51 3.47
CA LEU A 97 24.67 7.63 2.65
C LEU A 97 25.34 7.16 1.36
N LEU A 98 26.13 8.05 0.72
CA LEU A 98 26.81 7.72 -0.55
C LEU A 98 28.03 6.78 -0.36
N LYS A 99 28.83 7.05 0.70
CA LYS A 99 30.02 6.20 1.03
C LYS A 99 29.64 4.71 1.12
N ALA A 100 28.56 4.43 1.87
CA ALA A 100 28.07 3.05 2.04
C ALA A 100 27.26 2.59 0.82
N GLY A 101 26.30 3.42 0.41
CA GLY A 101 25.25 2.99 -0.54
C GLY A 101 25.62 3.03 -2.04
N ALA A 102 26.49 3.98 -2.43
CA ALA A 102 26.73 4.25 -3.91
C ALA A 102 27.20 3.01 -4.65
N MET A 103 28.21 2.31 -4.10
CA MET A 103 28.73 1.06 -4.72
C MET A 103 27.76 -0.11 -4.58
N GLU A 104 26.98 -0.14 -3.49
CA GLU A 104 25.88 -1.13 -3.35
C GLU A 104 24.88 -0.98 -4.51
N VAL A 105 24.51 0.27 -4.84
CA VAL A 105 23.60 0.55 -6.00
C VAL A 105 24.25 0.12 -7.33
N VAL A 106 25.55 0.43 -7.51
CA VAL A 106 26.31 -0.02 -8.73
C VAL A 106 26.24 -1.58 -8.86
N LEU A 107 26.42 -2.29 -7.74
CA LEU A 107 26.37 -3.76 -7.72
C LEU A 107 24.98 -4.30 -8.09
N VAL A 108 23.92 -3.60 -7.67
CA VAL A 108 22.53 -3.97 -8.08
C VAL A 108 22.30 -3.71 -9.57
N ARG A 109 22.73 -2.53 -10.05
CA ARG A 109 22.59 -2.15 -11.52
C ARG A 109 23.29 -3.12 -12.45
N MET A 110 24.38 -3.75 -11.94
CA MET A 110 25.14 -4.76 -12.72
C MET A 110 24.26 -5.93 -13.26
N CYS A 111 23.19 -6.28 -12.52
CA CYS A 111 22.27 -7.39 -12.95
C CYS A 111 21.62 -7.14 -14.36
N ARG A 112 21.49 -5.86 -14.75
CA ARG A 112 21.00 -5.49 -16.11
C ARG A 112 21.98 -5.88 -17.21
N ALA A 113 23.27 -5.78 -16.89
CA ALA A 113 24.33 -6.13 -17.84
C ALA A 113 24.74 -7.64 -17.76
N TYR A 114 24.06 -8.42 -16.88
CA TYR A 114 24.33 -9.84 -16.71
C TYR A 114 23.33 -10.67 -17.53
N ASN A 115 23.85 -11.62 -18.33
CA ASN A 115 23.00 -12.58 -19.08
C ASN A 115 23.08 -13.98 -18.46
N ALA A 116 21.97 -14.44 -17.87
CA ALA A 116 21.93 -15.72 -17.12
C ALA A 116 21.90 -16.97 -18.05
N ASP A 117 21.55 -16.77 -19.35
CA ASP A 117 21.49 -17.91 -20.35
C ASP A 117 22.86 -18.54 -20.59
N ASN A 118 23.90 -17.67 -20.71
CA ASN A 118 25.29 -18.12 -20.99
C ASN A 118 26.35 -17.60 -19.93
N ARG A 119 25.86 -17.02 -18.81
CA ARG A 119 26.75 -16.49 -17.72
C ARG A 119 27.86 -15.50 -18.26
N THR A 120 27.43 -14.52 -19.08
CA THR A 120 28.34 -13.43 -19.57
C THR A 120 27.87 -12.08 -19.08
N VAL A 121 28.75 -11.09 -19.16
CA VAL A 121 28.42 -9.70 -18.76
C VAL A 121 28.90 -8.71 -19.81
N PHE A 122 28.20 -7.57 -19.90
CA PHE A 122 28.63 -6.48 -20.80
C PHE A 122 29.93 -5.85 -20.29
N PHE A 123 30.90 -5.69 -21.19
CA PHE A 123 32.19 -5.09 -20.84
C PHE A 123 32.87 -4.52 -22.10
N GLU A 124 32.90 -3.17 -22.21
CA GLU A 124 33.60 -2.46 -23.32
C GLU A 124 33.05 -2.87 -24.75
N GLY A 125 31.71 -2.90 -24.89
CA GLY A 125 31.05 -3.06 -26.22
C GLY A 125 30.49 -4.47 -26.53
N LYS A 126 31.00 -5.51 -25.84
CA LYS A 126 30.54 -6.93 -26.06
C LYS A 126 30.32 -7.66 -24.74
N TYR A 127 29.77 -8.88 -24.84
CA TYR A 127 29.57 -9.76 -23.67
C TYR A 127 30.71 -10.78 -23.54
N GLY A 128 31.12 -11.05 -22.29
CA GLY A 128 32.15 -12.11 -22.01
C GLY A 128 31.97 -12.73 -20.62
N GLY A 129 32.46 -13.97 -20.46
CA GLY A 129 32.42 -14.67 -19.14
C GLY A 129 33.44 -14.13 -18.17
N MET A 130 33.45 -14.68 -16.95
CA MET A 130 34.37 -14.17 -15.87
C MET A 130 35.87 -14.45 -16.20
N GLU A 131 36.11 -15.46 -17.06
CA GLU A 131 37.46 -15.70 -17.65
C GLU A 131 38.09 -14.42 -18.33
N LEU A 132 37.23 -13.51 -18.82
CA LEU A 132 37.68 -12.20 -19.40
C LEU A 132 38.56 -11.37 -18.40
N PHE A 133 38.30 -11.54 -17.08
CA PHE A 133 38.94 -10.70 -16.02
C PHE A 133 40.08 -11.46 -15.24
N ARG A 134 40.70 -12.46 -15.91
CA ARG A 134 41.70 -13.36 -15.23
C ARG A 134 43.01 -12.61 -14.79
N ALA A 135 43.42 -11.60 -15.57
CA ALA A 135 44.67 -10.82 -15.27
C ALA A 135 44.58 -10.05 -13.91
N LEU A 136 43.35 -9.76 -13.45
CA LEU A 136 43.13 -9.09 -12.13
C LEU A 136 43.42 -10.01 -10.92
N GLY A 137 43.30 -11.34 -11.12
CA GLY A 137 43.52 -12.31 -10.05
C GLY A 137 42.53 -12.14 -8.88
N CYS A 138 41.27 -11.78 -9.21
CA CYS A 138 40.19 -11.65 -8.22
C CYS A 138 39.04 -12.60 -8.59
N SER A 139 39.37 -13.85 -8.92
CA SER A 139 38.36 -14.80 -9.41
C SER A 139 37.31 -15.16 -8.32
N GLU A 140 37.71 -15.10 -7.04
CA GLU A 140 36.79 -15.38 -5.90
C GLU A 140 35.74 -14.23 -5.71
N LEU A 141 36.24 -12.99 -5.66
CA LEU A 141 35.38 -11.78 -5.59
C LEU A 141 34.48 -11.67 -6.82
N ILE A 142 35.08 -11.81 -8.01
CA ILE A 142 34.35 -11.65 -9.28
C ILE A 142 33.28 -12.76 -9.46
N SER A 143 33.58 -13.97 -8.96
CA SER A 143 32.58 -15.09 -8.95
C SER A 143 31.37 -14.76 -8.02
N SER A 144 31.64 -14.08 -6.88
CA SER A 144 30.57 -13.65 -5.95
C SER A 144 29.68 -12.58 -6.58
N ILE A 145 30.30 -11.63 -7.29
CA ILE A 145 29.56 -10.57 -8.01
C ILE A 145 28.67 -11.18 -9.12
N PHE A 146 29.25 -12.11 -9.91
CA PHE A 146 28.45 -12.90 -10.93
C PHE A 146 27.25 -13.60 -10.28
N ASP A 147 27.48 -14.23 -9.10
CA ASP A 147 26.38 -14.98 -8.36
C ASP A 147 25.26 -14.04 -7.89
N PHE A 148 25.65 -12.91 -7.31
CA PHE A 148 24.68 -11.90 -6.84
C PHE A 148 23.88 -11.32 -8.00
N SER A 149 24.54 -11.06 -9.11
CA SER A 149 23.87 -10.59 -10.33
C SER A 149 22.90 -11.64 -10.89
N HIS A 150 23.29 -12.92 -10.82
CA HIS A 150 22.43 -14.04 -11.26
C HIS A 150 21.14 -14.10 -10.43
N SER A 151 21.29 -14.02 -9.10
CA SER A 151 20.13 -14.11 -8.18
C SER A 151 19.13 -12.93 -8.38
N LEU A 152 19.68 -11.70 -8.57
CA LEU A 152 18.85 -10.51 -8.88
C LEU A 152 18.20 -10.60 -10.28
N SER A 153 18.96 -11.10 -11.25
CA SER A 153 18.47 -11.25 -12.65
C SER A 153 17.25 -12.20 -12.74
N ALA A 154 17.19 -13.18 -11.83
CA ALA A 154 16.05 -14.15 -11.77
C ALA A 154 14.73 -13.51 -11.24
N LEU A 155 14.83 -12.30 -10.63
CA LEU A 155 13.64 -11.54 -10.20
C LEU A 155 12.95 -10.87 -11.38
N HIS A 156 13.70 -10.62 -12.47
CA HIS A 156 13.19 -9.89 -13.67
C HIS A 156 12.56 -8.54 -13.27
N PHE A 157 13.37 -7.68 -12.65
CA PHE A 157 12.92 -6.35 -12.26
C PHE A 157 12.39 -5.60 -13.47
N SER A 158 11.25 -4.94 -13.30
CA SER A 158 10.89 -3.81 -14.18
C SER A 158 11.82 -2.62 -13.88
N GLU A 159 11.73 -1.57 -14.68
CA GLU A 159 12.52 -0.35 -14.46
C GLU A 159 12.05 0.40 -13.18
N ASP A 160 10.71 0.46 -12.96
CA ASP A 160 10.13 1.05 -11.71
C ASP A 160 10.67 0.35 -10.46
N GLU A 161 10.79 -0.99 -10.54
CA GLU A 161 11.13 -1.83 -9.36
C GLU A 161 12.58 -1.70 -8.97
N ILE A 162 13.49 -1.83 -9.95
CA ILE A 162 14.94 -1.69 -9.68
C ILE A 162 15.31 -0.23 -9.27
N ALA A 163 14.54 0.76 -9.81
CA ALA A 163 14.71 2.17 -9.43
C ALA A 163 14.35 2.41 -7.94
N LEU A 164 13.21 1.90 -7.52
CA LEU A 164 12.74 2.07 -6.10
C LEU A 164 13.62 1.28 -5.15
N TYR A 165 13.96 0.05 -5.54
CA TYR A 165 14.83 -0.81 -4.76
C TYR A 165 16.25 -0.16 -4.53
N THR A 166 16.82 0.44 -5.58
CA THR A 166 18.14 1.13 -5.45
C THR A 166 18.00 2.45 -4.68
N ALA A 167 16.81 3.08 -4.78
CA ALA A 167 16.50 4.29 -3.95
C ALA A 167 16.45 3.95 -2.45
N LEU A 168 15.91 2.77 -2.12
CA LEU A 168 15.87 2.30 -0.68
C LEU A 168 17.23 1.81 -0.19
N VAL A 169 18.06 1.28 -1.12
CA VAL A 169 19.47 0.97 -0.81
C VAL A 169 20.25 2.28 -0.35
N LEU A 170 19.98 3.42 -1.02
CA LEU A 170 20.64 4.73 -0.67
C LEU A 170 20.00 5.40 0.53
N ILE A 171 18.68 5.53 0.50
CA ILE A 171 17.95 6.23 1.57
C ILE A 171 17.70 5.24 2.75
N ASN A 172 18.77 4.99 3.51
CA ASN A 172 18.74 4.10 4.64
C ASN A 172 19.17 4.86 5.89
N ALA A 173 18.28 4.90 6.90
CA ALA A 173 18.50 5.72 8.13
C ALA A 173 19.36 4.99 9.19
N HIS A 174 19.76 3.73 8.88
CA HIS A 174 20.54 2.92 9.81
C HIS A 174 22.07 2.95 9.51
N ARG A 175 22.50 3.81 8.55
CA ARG A 175 23.93 4.01 8.28
C ARG A 175 24.55 4.73 9.50
N PRO A 176 25.65 4.13 10.09
CA PRO A 176 26.32 4.83 11.19
C PRO A 176 26.95 6.15 10.76
N GLY A 177 26.69 7.22 11.53
CA GLY A 177 27.31 8.57 11.25
C GLY A 177 26.31 9.67 10.91
N LEU A 178 25.02 9.30 10.73
CA LEU A 178 23.96 10.29 10.40
C LEU A 178 23.67 11.19 11.62
N GLN A 179 23.77 12.51 11.41
CA GLN A 179 23.42 13.49 12.47
C GLN A 179 21.89 13.83 12.49
N GLU A 180 21.26 13.83 11.28
CA GLU A 180 19.76 13.97 11.18
C GLU A 180 19.11 12.60 10.82
N LYS A 181 19.17 11.67 11.78
CA LYS A 181 18.68 10.29 11.59
C LYS A 181 17.15 10.26 11.38
N ARG A 182 16.42 10.96 12.27
CA ARG A 182 14.92 11.08 12.16
C ARG A 182 14.48 11.49 10.74
N LYS A 183 15.17 12.49 10.16
CA LYS A 183 14.81 13.02 8.83
C LYS A 183 14.99 11.95 7.71
N VAL A 184 16.06 11.14 7.80
CA VAL A 184 16.31 10.06 6.83
C VAL A 184 15.30 8.90 7.03
N GLU A 185 14.92 8.64 8.32
CA GLU A 185 13.82 7.64 8.64
C GLU A 185 12.49 8.03 7.96
N GLN A 186 12.21 9.34 7.92
CA GLN A 186 10.95 9.84 7.31
C GLN A 186 10.98 9.68 5.77
N LEU A 187 12.14 9.96 5.16
CA LEU A 187 12.34 9.72 3.68
C LEU A 187 12.27 8.21 3.32
N GLN A 188 12.92 7.39 4.14
CA GLN A 188 12.91 5.90 3.95
C GLN A 188 11.50 5.35 4.08
N TYR A 189 10.78 5.79 5.11
CA TYR A 189 9.38 5.39 5.33
C TYR A 189 8.51 5.64 4.09
N ASN A 190 8.61 6.85 3.53
CA ASN A 190 7.80 7.23 2.32
C ASN A 190 8.21 6.46 1.06
N LEU A 191 9.51 6.17 0.92
CA LEU A 191 10.01 5.34 -0.21
C LEU A 191 9.57 3.86 -0.09
N GLU A 192 9.60 3.33 1.14
CA GLU A 192 9.06 1.98 1.44
C GLU A 192 7.56 1.92 1.15
N LEU A 193 6.83 2.97 1.55
CA LEU A 193 5.39 3.05 1.31
C LEU A 193 5.08 3.09 -0.20
N ALA A 194 5.88 3.85 -0.96
CA ALA A 194 5.73 3.90 -2.45
C ALA A 194 6.13 2.57 -3.15
N PHE A 195 7.17 1.93 -2.62
CA PHE A 195 7.64 0.63 -3.13
C PHE A 195 6.58 -0.45 -2.92
N HIS A 196 6.07 -0.54 -1.68
CA HIS A 196 5.04 -1.53 -1.31
C HIS A 196 3.71 -1.26 -2.05
N HIS A 197 3.36 0.03 -2.19
CA HIS A 197 2.17 0.43 -2.98
C HIS A 197 2.28 0.01 -4.44
N HIS A 198 3.43 0.31 -5.06
CA HIS A 198 3.66 0.01 -6.48
C HIS A 198 3.64 -1.52 -6.74
N LEU A 199 4.33 -2.28 -5.86
CA LEU A 199 4.35 -3.75 -5.95
C LEU A 199 2.96 -4.33 -5.77
N CYS A 200 2.20 -3.79 -4.82
CA CYS A 200 0.82 -4.24 -4.60
C CYS A 200 -0.10 -3.90 -5.80
N LYS A 201 0.03 -2.68 -6.32
CA LYS A 201 -0.79 -2.21 -7.48
C LYS A 201 -0.53 -3.06 -8.77
N THR A 202 0.72 -3.47 -8.98
CA THR A 202 1.12 -4.23 -10.19
C THR A 202 1.13 -5.80 -9.97
N HIS A 203 0.62 -6.25 -8.78
CA HIS A 203 0.58 -7.70 -8.42
C HIS A 203 1.99 -8.36 -8.54
N ARG A 204 3.00 -7.65 -8.02
CA ARG A 204 4.39 -8.07 -8.08
C ARG A 204 5.00 -8.21 -6.65
N GLN A 205 4.13 -8.36 -5.63
CA GLN A 205 4.60 -8.43 -4.21
C GLN A 205 5.47 -9.67 -3.92
N SER A 206 5.30 -10.75 -4.74
CA SER A 206 6.10 -12.00 -4.58
C SER A 206 7.66 -11.79 -4.66
N ILE A 207 8.11 -10.68 -5.29
CA ILE A 207 9.58 -10.38 -5.37
C ILE A 207 10.18 -10.00 -3.97
N LEU A 208 9.31 -9.53 -3.04
CA LEU A 208 9.77 -9.07 -1.67
C LEU A 208 10.52 -10.17 -0.91
N ALA A 209 9.94 -11.37 -0.88
CA ALA A 209 10.58 -12.54 -0.22
C ALA A 209 11.86 -13.04 -1.01
N LYS A 210 11.90 -12.78 -2.32
CA LYS A 210 13.05 -13.17 -3.18
C LYS A 210 14.22 -12.15 -3.16
N LEU A 211 13.99 -10.94 -2.56
CA LEU A 211 15.07 -9.91 -2.47
C LEU A 211 16.27 -10.46 -1.64
N PRO A 212 17.53 -10.07 -2.03
CA PRO A 212 18.71 -10.56 -1.32
C PRO A 212 18.62 -10.30 0.20
N PRO A 213 19.02 -11.31 1.06
CA PRO A 213 18.95 -11.14 2.50
C PRO A 213 19.62 -9.84 2.98
N LYS A 214 19.01 -9.21 3.99
CA LYS A 214 19.54 -7.95 4.53
C LYS A 214 20.88 -8.19 5.20
N GLY A 215 21.95 -7.59 4.63
CA GLY A 215 23.34 -7.86 5.06
C GLY A 215 24.21 -8.42 3.95
N LYS A 216 23.60 -9.21 3.05
CA LYS A 216 24.34 -9.81 1.89
C LYS A 216 24.92 -8.74 0.97
N LEU A 217 24.08 -7.74 0.62
CA LEU A 217 24.51 -6.63 -0.26
C LEU A 217 25.60 -5.78 0.40
N ARG A 218 25.42 -5.46 1.69
CA ARG A 218 26.45 -4.65 2.45
C ARG A 218 27.77 -5.41 2.56
N SER A 219 27.69 -6.72 2.82
CA SER A 219 28.89 -7.59 2.95
C SER A 219 29.66 -7.68 1.64
N LEU A 220 28.93 -7.91 0.54
CA LEU A 220 29.54 -8.02 -0.79
C LEU A 220 30.21 -6.71 -1.18
N CYS A 221 29.50 -5.58 -0.97
CA CYS A 221 30.06 -4.23 -1.26
C CYS A 221 31.30 -3.93 -0.40
N SER A 222 31.26 -4.37 0.86
CA SER A 222 32.41 -4.22 1.76
C SER A 222 33.67 -4.97 1.21
N GLN A 223 33.50 -6.24 0.84
CA GLN A 223 34.62 -7.05 0.24
C GLN A 223 35.09 -6.42 -1.09
N HIS A 224 34.14 -5.91 -1.86
CA HIS A 224 34.41 -5.34 -3.16
C HIS A 224 35.22 -4.00 -3.06
N VAL A 225 34.79 -3.11 -2.18
CA VAL A 225 35.45 -1.81 -1.98
C VAL A 225 36.80 -1.97 -1.30
N GLU A 226 36.91 -2.94 -0.36
CA GLU A 226 38.22 -3.30 0.25
C GLU A 226 39.27 -3.63 -0.82
N ARG A 227 38.87 -4.48 -1.78
CA ARG A 227 39.77 -4.89 -2.86
C ARG A 227 40.14 -3.71 -3.76
N LEU A 228 39.14 -2.89 -4.11
CA LEU A 228 39.36 -1.65 -4.93
C LEU A 228 40.34 -0.69 -4.23
N GLN A 229 40.21 -0.58 -2.89
CA GLN A 229 41.09 0.32 -2.07
C GLN A 229 42.53 -0.20 -2.04
N ILE A 230 42.68 -1.52 -1.91
CA ILE A 230 43.99 -2.16 -1.97
C ILE A 230 44.64 -1.91 -3.36
N PHE A 231 43.88 -2.13 -4.43
CA PHE A 231 44.36 -1.83 -5.83
C PHE A 231 44.73 -0.35 -6.02
N GLN A 232 43.91 0.55 -5.45
CA GLN A 232 44.15 2.02 -5.56
C GLN A 232 45.43 2.46 -4.81
N HIS A 233 45.74 1.81 -3.68
CA HIS A 233 46.97 2.13 -2.91
C HIS A 233 48.27 1.63 -3.62
N LEU A 234 48.17 0.51 -4.38
CA LEU A 234 49.36 -0.08 -5.10
C LEU A 234 49.56 0.53 -6.50
N HIS A 235 48.44 0.88 -7.15
CA HIS A 235 48.47 1.50 -8.47
C HIS A 235 47.35 2.59 -8.57
N PRO A 236 47.64 3.83 -7.99
CA PRO A 236 46.60 4.87 -7.93
C PRO A 236 46.08 5.31 -9.31
N ILE A 237 44.77 5.15 -9.52
CA ILE A 237 44.09 5.72 -10.66
C ILE A 237 43.87 7.22 -10.41
N VAL A 238 44.20 8.03 -11.42
CA VAL A 238 44.02 9.48 -11.34
C VAL A 238 42.60 9.82 -11.76
N VAL A 239 41.83 10.37 -10.82
CA VAL A 239 40.41 10.70 -11.04
C VAL A 239 40.23 12.20 -11.04
N GLN A 240 39.53 12.71 -12.08
CA GLN A 240 39.05 14.11 -12.07
C GLN A 240 37.70 14.14 -11.28
N ALA A 241 37.79 14.43 -9.97
CA ALA A 241 36.64 14.26 -9.02
C ALA A 241 35.46 15.21 -9.38
N ALA A 242 34.29 14.61 -9.67
CA ALA A 242 33.04 15.37 -9.92
C ALA A 242 32.39 15.85 -8.60
N PHE A 243 32.65 15.10 -7.49
CA PHE A 243 32.08 15.41 -6.15
C PHE A 243 33.24 15.36 -5.07
N PRO A 244 34.10 16.43 -5.02
CA PRO A 244 35.37 16.40 -4.24
C PRO A 244 35.22 16.04 -2.70
N PRO A 245 34.05 16.42 -2.05
CA PRO A 245 33.86 15.99 -0.63
C PRO A 245 33.72 14.47 -0.47
N LEU A 246 32.98 13.83 -1.38
CA LEU A 246 32.80 12.39 -1.37
C LEU A 246 34.12 11.69 -1.73
N TYR A 247 34.73 12.14 -2.83
CA TYR A 247 36.07 11.65 -3.26
C TYR A 247 37.08 11.65 -2.10
N LYS A 248 37.12 12.76 -1.35
CA LYS A 248 38.06 12.91 -0.20
C LYS A 248 37.91 11.75 0.83
N GLU A 249 36.67 11.36 1.09
CA GLU A 249 36.38 10.25 2.08
C GLU A 249 36.88 8.87 1.61
N LEU A 250 36.78 8.60 0.30
CA LEU A 250 37.10 7.25 -0.25
C LEU A 250 38.58 7.11 -0.65
N PHE A 251 39.24 8.22 -1.04
CA PHE A 251 40.59 8.14 -1.71
C PHE A 251 41.74 8.59 -0.82
N SER A 252 41.63 9.79 -0.24
CA SER A 252 42.74 10.37 0.60
C SER A 252 42.73 9.77 2.01
N PRO B 5 -3.45 6.89 18.10
CA PRO B 5 -4.45 6.56 17.06
C PRO B 5 -4.33 7.47 15.79
N GLU B 6 -4.02 8.78 15.97
CA GLU B 6 -3.89 9.75 14.83
C GLU B 6 -2.40 10.02 14.49
N ALA B 7 -1.48 9.21 15.05
CA ALA B 7 -0.05 9.53 15.06
C ALA B 7 0.57 9.43 13.63
N PRO B 8 1.53 10.34 13.30
CA PRO B 8 2.21 10.29 12.02
C PRO B 8 3.19 9.11 11.92
N TYR B 9 3.48 8.66 10.69
CA TYR B 9 4.45 7.56 10.42
C TYR B 9 4.06 6.27 11.17
N ALA B 10 2.80 5.85 10.97
CA ALA B 10 2.28 4.64 11.61
C ALA B 10 3.15 3.40 11.22
N SER B 11 3.67 2.70 12.24
CA SER B 11 4.50 1.52 12.03
C SER B 11 3.65 0.33 11.53
N LEU B 12 4.33 -0.72 11.07
CA LEU B 12 3.68 -2.01 10.74
C LEU B 12 2.90 -2.61 11.99
N THR B 13 3.48 -2.38 13.19
CA THR B 13 2.85 -2.83 14.45
C THR B 13 1.49 -2.10 14.71
N GLU B 14 1.53 -0.76 14.73
CA GLU B 14 0.30 0.09 14.92
C GLU B 14 -0.79 -0.26 13.89
N ILE B 15 -0.39 -0.41 12.62
CA ILE B 15 -1.34 -0.67 11.53
C ILE B 15 -2.03 -2.07 11.68
N GLU B 16 -1.26 -3.10 11.97
CA GLU B 16 -1.83 -4.48 12.14
C GLU B 16 -2.62 -4.62 13.47
N HIS B 17 -2.26 -3.81 14.48
CA HIS B 17 -3.10 -3.68 15.71
C HIS B 17 -4.44 -2.98 15.40
N LEU B 18 -4.39 -1.98 14.52
CA LEU B 18 -5.59 -1.24 14.11
C LEU B 18 -6.57 -2.17 13.36
N VAL B 19 -6.02 -3.07 12.51
CA VAL B 19 -6.85 -4.05 11.79
C VAL B 19 -7.53 -5.02 12.77
N GLN B 20 -6.75 -5.62 13.68
CA GLN B 20 -7.29 -6.57 14.67
C GLN B 20 -8.32 -5.91 15.63
N SER B 21 -8.06 -4.66 16.01
CA SER B 21 -8.96 -3.92 16.91
C SER B 21 -10.31 -3.58 16.21
N VAL B 22 -10.22 -3.07 14.97
CA VAL B 22 -11.40 -2.70 14.19
C VAL B 22 -12.26 -3.96 13.85
N SER B 23 -11.58 -5.03 13.41
CA SER B 23 -12.27 -6.34 13.12
C SER B 23 -12.98 -6.91 14.37
N LYS B 24 -12.34 -6.79 15.52
CA LYS B 24 -12.91 -7.23 16.79
C LYS B 24 -14.16 -6.38 17.16
N SER B 25 -14.01 -5.05 17.08
CA SER B 25 -15.10 -4.11 17.35
C SER B 25 -16.30 -4.35 16.43
N TYR B 26 -16.01 -4.58 15.14
CA TYR B 26 -17.06 -4.94 14.17
C TYR B 26 -17.75 -6.22 14.58
N ARG B 27 -16.97 -7.27 14.78
CA ARG B 27 -17.49 -8.62 15.11
C ARG B 27 -18.43 -8.60 16.33
N GLU B 28 -18.07 -7.82 17.36
CA GLU B 28 -18.79 -7.82 18.64
C GLU B 28 -19.87 -6.68 18.77
N THR B 29 -20.18 -6.01 17.64
CA THR B 29 -21.34 -5.09 17.57
C THR B 29 -22.28 -5.44 16.38
N CYS B 30 -22.25 -6.73 15.97
CA CYS B 30 -23.24 -7.25 15.02
C CYS B 30 -24.23 -8.13 15.78
N GLN B 31 -25.47 -7.63 15.91
CA GLN B 31 -26.57 -8.42 16.56
C GLN B 31 -26.82 -9.75 15.82
N LEU B 32 -26.62 -9.73 14.48
CA LEU B 32 -26.69 -10.94 13.65
C LEU B 32 -25.28 -11.39 13.26
N ARG B 33 -24.87 -12.59 13.73
CA ARG B 33 -23.58 -13.20 13.28
C ARG B 33 -23.63 -13.56 11.82
N LEU B 34 -22.45 -13.67 11.19
CA LEU B 34 -22.36 -14.10 9.80
C LEU B 34 -22.75 -15.59 9.65
N GLU B 35 -22.20 -16.44 10.55
CA GLU B 35 -22.47 -17.91 10.49
C GLU B 35 -23.96 -18.27 10.80
N ASP B 36 -24.61 -17.48 11.67
CA ASP B 36 -26.06 -17.64 11.95
C ASP B 36 -26.90 -17.25 10.72
N LEU B 37 -26.56 -16.11 10.09
CA LEU B 37 -27.26 -15.64 8.85
C LEU B 37 -27.10 -16.64 7.67
N LEU B 38 -25.88 -17.19 7.50
CA LEU B 38 -25.60 -18.18 6.41
C LEU B 38 -26.33 -19.53 6.65
N ARG B 39 -26.33 -19.99 7.90
CA ARG B 39 -27.08 -21.22 8.31
C ARG B 39 -28.60 -21.07 8.07
N GLN B 40 -29.13 -19.88 8.33
CA GLN B 40 -30.58 -19.63 8.27
C GLN B 40 -31.12 -19.39 6.79
N ARG B 41 -30.21 -19.41 5.78
CA ARG B 41 -30.60 -19.15 4.34
C ARG B 41 -31.63 -20.17 3.78
N SER B 42 -31.57 -21.43 4.26
CA SER B 42 -32.57 -22.47 3.86
C SER B 42 -33.98 -22.23 4.51
N ASN B 43 -34.01 -21.44 5.59
CA ASN B 43 -35.27 -21.08 6.27
C ASN B 43 -35.94 -19.86 5.60
N ILE B 44 -36.80 -20.14 4.62
CA ILE B 44 -37.47 -19.10 3.80
C ILE B 44 -38.98 -19.04 4.16
N PHE B 45 -39.53 -17.80 4.23
CA PHE B 45 -40.99 -17.58 4.46
C PHE B 45 -41.82 -18.28 3.40
N SER B 46 -42.89 -18.96 3.84
CA SER B 46 -43.89 -19.53 2.91
C SER B 46 -44.79 -18.43 2.35
N ARG B 47 -45.53 -18.76 1.30
CA ARG B 47 -46.45 -17.78 0.64
C ARG B 47 -47.58 -17.29 1.61
N GLU B 48 -48.01 -18.18 2.53
CA GLU B 48 -49.01 -17.81 3.56
C GLU B 48 -48.46 -16.80 4.55
N GLU B 49 -47.18 -16.97 4.92
CA GLU B 49 -46.47 -16.00 5.79
C GLU B 49 -46.21 -14.64 5.06
N VAL B 50 -45.93 -14.71 3.73
CA VAL B 50 -45.72 -13.49 2.91
C VAL B 50 -47.02 -12.67 2.80
N THR B 51 -48.15 -13.37 2.54
CA THR B 51 -49.48 -12.69 2.44
C THR B 51 -49.95 -12.13 3.80
N GLY B 52 -49.53 -12.79 4.90
CA GLY B 52 -49.75 -12.24 6.26
C GLY B 52 -49.08 -10.88 6.45
N TYR B 53 -47.82 -10.76 5.97
CA TYR B 53 -47.07 -9.48 6.01
C TYR B 53 -47.69 -8.41 5.06
N GLN B 54 -48.10 -8.85 3.86
CA GLN B 54 -48.71 -7.92 2.85
C GLN B 54 -50.09 -7.35 3.33
N ARG B 55 -50.87 -8.18 4.05
CA ARG B 55 -52.20 -7.74 4.59
C ARG B 55 -52.08 -6.85 5.87
N LYS B 56 -50.88 -6.83 6.50
CA LYS B 56 -50.61 -5.87 7.63
C LYS B 56 -50.69 -4.43 7.13
N SER B 57 -51.10 -3.51 8.02
CA SER B 57 -51.21 -2.08 7.67
C SER B 57 -49.83 -1.48 7.41
N MET B 58 -49.82 -0.36 6.66
CA MET B 58 -48.56 0.38 6.39
C MET B 58 -47.84 0.77 7.71
N TRP B 59 -48.63 1.16 8.72
CA TRP B 59 -48.08 1.66 10.00
C TRP B 59 -47.52 0.53 10.90
N GLU B 60 -48.09 -0.69 10.79
CA GLU B 60 -47.58 -1.86 11.54
C GLU B 60 -46.20 -2.29 11.01
N MET B 61 -46.06 -2.38 9.67
CA MET B 61 -44.76 -2.69 9.04
C MET B 61 -43.73 -1.61 9.30
N TRP B 62 -44.18 -0.34 9.28
CA TRP B 62 -43.34 0.79 9.66
C TRP B 62 -42.79 0.63 11.10
N GLU B 63 -43.69 0.35 12.07
CA GLU B 63 -43.26 0.14 13.50
C GLU B 63 -42.19 -1.00 13.63
N ARG B 64 -42.43 -2.14 12.93
CA ARG B 64 -41.48 -3.28 12.94
C ARG B 64 -40.10 -2.89 12.39
N CYS B 65 -40.07 -2.44 11.13
CA CYS B 65 -38.82 -2.03 10.46
C CYS B 65 -38.09 -0.94 11.23
N ALA B 66 -38.85 0.04 11.72
CA ALA B 66 -38.27 1.19 12.45
C ALA B 66 -37.58 0.76 13.74
N HIS B 67 -38.21 -0.15 14.48
N HIS B 67 -38.20 -0.15 14.49
CA HIS B 67 -37.63 -0.69 15.73
CA HIS B 67 -37.63 -0.64 15.75
C HIS B 67 -36.33 -1.48 15.47
C HIS B 67 -36.34 -1.50 15.51
N HIS B 68 -36.35 -2.32 14.44
CA HIS B 68 -35.14 -3.10 14.04
C HIS B 68 -33.98 -2.18 13.53
N LEU B 69 -34.35 -1.08 12.83
CA LEU B 69 -33.37 -0.11 12.31
C LEU B 69 -32.74 0.75 13.43
N THR B 70 -33.54 1.17 14.42
CA THR B 70 -33.00 1.94 15.60
C THR B 70 -32.00 1.09 16.35
N GLU B 71 -32.34 -0.19 16.53
CA GLU B 71 -31.43 -1.18 17.10
C GLU B 71 -30.12 -1.31 16.27
N ALA B 72 -30.27 -1.43 14.94
CA ALA B 72 -29.10 -1.50 14.01
C ALA B 72 -28.20 -0.23 14.14
N ILE B 73 -28.83 0.94 14.24
CA ILE B 73 -28.10 2.20 14.43
C ILE B 73 -27.36 2.22 15.76
N GLN B 74 -28.04 1.80 16.82
CA GLN B 74 -27.46 1.83 18.16
C GLN B 74 -26.17 0.99 18.28
N TYR B 75 -26.12 -0.14 17.55
CA TYR B 75 -24.94 -1.00 17.54
C TYR B 75 -23.83 -0.45 16.63
N VAL B 76 -24.21 0.27 15.56
CA VAL B 76 -23.24 1.02 14.75
C VAL B 76 -22.58 2.19 15.57
N VAL B 77 -23.37 2.81 16.47
CA VAL B 77 -22.83 3.87 17.33
C VAL B 77 -21.85 3.29 18.32
N GLU B 78 -22.17 2.08 18.85
CA GLU B 78 -21.24 1.31 19.70
C GLU B 78 -19.93 0.97 18.94
N PHE B 79 -20.09 0.56 17.67
CA PHE B 79 -18.94 0.30 16.79
C PHE B 79 -18.05 1.57 16.62
N ALA B 80 -18.69 2.70 16.36
CA ALA B 80 -17.97 4.00 16.22
C ALA B 80 -17.20 4.36 17.49
N LYS B 81 -17.85 4.20 18.65
CA LYS B 81 -17.23 4.56 19.96
C LYS B 81 -16.06 3.62 20.37
N ARG B 82 -15.97 2.44 19.73
CA ARG B 82 -14.86 1.49 19.96
C ARG B 82 -13.67 1.69 18.95
N LEU B 83 -13.85 2.60 17.96
CA LEU B 83 -12.77 2.97 17.02
C LEU B 83 -11.84 3.96 17.68
N SER B 84 -10.53 3.71 17.55
CA SER B 84 -9.51 4.53 18.23
C SER B 84 -9.55 5.98 17.70
N GLY B 85 -9.70 6.93 18.63
CA GLY B 85 -9.76 8.36 18.28
C GLY B 85 -11.17 8.95 18.32
N PHE B 86 -12.21 8.10 18.09
CA PHE B 86 -13.60 8.62 17.91
C PHE B 86 -14.12 9.33 19.14
N MET B 87 -13.92 8.72 20.30
CA MET B 87 -14.44 9.29 21.57
C MET B 87 -13.62 10.53 22.04
N GLU B 88 -12.38 10.65 21.57
CA GLU B 88 -11.55 11.87 21.82
C GLU B 88 -12.05 13.09 21.03
N LEU B 89 -12.79 12.86 19.92
CA LEU B 89 -13.42 13.97 19.12
C LEU B 89 -14.47 14.70 19.94
N SER B 90 -14.73 15.95 19.58
CA SER B 90 -15.84 16.73 20.20
C SER B 90 -17.19 16.06 19.91
N GLN B 91 -18.17 16.32 20.75
CA GLN B 91 -19.53 15.77 20.54
C GLN B 91 -20.12 16.24 19.20
N ASN B 92 -19.83 17.53 18.83
CA ASN B 92 -20.22 18.05 17.50
C ASN B 92 -19.73 17.16 16.37
N ASP B 93 -18.44 16.80 16.43
CA ASP B 93 -17.80 16.00 15.33
C ASP B 93 -18.27 14.55 15.33
N GLN B 94 -18.41 13.97 16.55
CA GLN B 94 -19.02 12.60 16.71
C GLN B 94 -20.41 12.53 16.07
N ILE B 95 -21.23 13.56 16.34
CA ILE B 95 -22.60 13.64 15.78
C ILE B 95 -22.57 13.89 14.24
N VAL B 96 -21.70 14.79 13.79
CA VAL B 96 -21.52 15.06 12.34
C VAL B 96 -21.18 13.74 11.57
N LEU B 97 -20.27 12.92 12.13
CA LEU B 97 -19.88 11.65 11.48
C LEU B 97 -21.01 10.61 11.53
N LEU B 98 -21.78 10.58 12.64
CA LEU B 98 -22.84 9.55 12.84
C LEU B 98 -24.20 9.89 12.13
N LYS B 99 -24.53 11.18 12.00
CA LYS B 99 -25.90 11.60 11.51
C LYS B 99 -26.18 11.10 10.07
N ALA B 100 -25.14 11.10 9.23
CA ALA B 100 -25.20 10.44 7.90
C ALA B 100 -24.60 9.07 8.00
N GLY B 101 -23.33 9.03 8.48
CA GLY B 101 -22.48 7.81 8.43
C GLY B 101 -23.08 6.54 9.06
N ALA B 102 -23.89 6.70 10.12
CA ALA B 102 -24.43 5.52 10.89
C ALA B 102 -25.36 4.67 10.03
N MET B 103 -26.26 5.34 9.29
CA MET B 103 -27.18 4.62 8.40
C MET B 103 -26.46 4.10 7.15
N GLU B 104 -25.40 4.81 6.71
CA GLU B 104 -24.55 4.30 5.59
C GLU B 104 -23.86 2.97 5.98
N VAL B 105 -23.41 2.87 7.23
CA VAL B 105 -22.82 1.62 7.73
C VAL B 105 -23.90 0.51 7.87
N VAL B 106 -25.12 0.89 8.32
CA VAL B 106 -26.25 -0.07 8.40
C VAL B 106 -26.58 -0.63 6.99
N LEU B 107 -26.62 0.26 5.99
CA LEU B 107 -26.90 -0.14 4.59
C LEU B 107 -25.82 -1.07 4.01
N VAL B 108 -24.56 -0.87 4.43
CA VAL B 108 -23.45 -1.77 4.04
C VAL B 108 -23.59 -3.11 4.76
N ARG B 109 -23.80 -3.05 6.09
CA ARG B 109 -24.00 -4.28 6.95
C ARG B 109 -25.17 -5.17 6.47
N MET B 110 -26.19 -4.54 5.82
CA MET B 110 -27.34 -5.29 5.24
C MET B 110 -26.91 -6.38 4.21
N CYS B 111 -25.76 -6.16 3.52
CA CYS B 111 -25.27 -7.11 2.47
C CYS B 111 -24.96 -8.54 3.04
N ARG B 112 -24.69 -8.63 4.35
CA ARG B 112 -24.45 -9.93 5.02
C ARG B 112 -25.77 -10.69 5.23
N ALA B 113 -26.86 -9.93 5.46
CA ALA B 113 -28.21 -10.50 5.60
C ALA B 113 -28.94 -10.64 4.21
N TYR B 114 -28.31 -10.15 3.13
CA TYR B 114 -28.85 -10.32 1.73
C TYR B 114 -28.26 -11.58 1.08
N ASN B 115 -29.14 -12.51 0.67
CA ASN B 115 -28.72 -13.73 -0.05
C ASN B 115 -28.89 -13.57 -1.60
N ALA B 116 -27.76 -13.42 -2.31
CA ALA B 116 -27.77 -13.09 -3.79
C ALA B 116 -28.22 -14.28 -4.67
N ASP B 117 -28.13 -15.52 -4.12
CA ASP B 117 -28.57 -16.73 -4.86
C ASP B 117 -30.06 -16.65 -5.25
N ASN B 118 -30.91 -16.23 -4.30
CA ASN B 118 -32.40 -16.18 -4.50
C ASN B 118 -33.05 -14.75 -4.28
N ARG B 119 -32.19 -13.70 -4.17
CA ARG B 119 -32.65 -12.29 -3.96
C ARG B 119 -33.64 -12.15 -2.75
N THR B 120 -33.29 -12.79 -1.64
CA THR B 120 -34.08 -12.65 -0.38
C THR B 120 -33.24 -12.03 0.70
N VAL B 121 -33.90 -11.57 1.76
CA VAL B 121 -33.24 -10.92 2.88
C VAL B 121 -33.78 -11.44 4.20
N PHE B 122 -32.94 -11.43 5.23
CA PHE B 122 -33.35 -11.86 6.58
C PHE B 122 -34.28 -10.80 7.22
N PHE B 123 -35.50 -11.22 7.60
CA PHE B 123 -36.43 -10.34 8.31
C PHE B 123 -37.20 -11.12 9.38
N GLU B 124 -36.86 -10.86 10.66
CA GLU B 124 -37.60 -11.43 11.81
C GLU B 124 -37.66 -13.00 11.78
N GLY B 125 -36.49 -13.62 11.52
CA GLY B 125 -36.31 -15.09 11.75
C GLY B 125 -36.24 -15.95 10.48
N LYS B 126 -36.69 -15.39 9.33
CA LYS B 126 -36.64 -16.12 8.02
C LYS B 126 -36.25 -15.20 6.87
N TYR B 127 -36.05 -15.78 5.68
CA TYR B 127 -35.66 -15.03 4.49
C TYR B 127 -36.86 -14.82 3.58
N GLY B 128 -36.97 -13.61 2.99
CA GLY B 128 -38.05 -13.30 2.03
C GLY B 128 -37.65 -12.22 1.04
N GLY B 129 -38.29 -12.24 -0.14
CA GLY B 129 -38.02 -11.22 -1.20
C GLY B 129 -38.63 -9.86 -0.88
N MET B 130 -38.57 -8.94 -1.85
CA MET B 130 -39.04 -7.53 -1.61
C MET B 130 -40.58 -7.37 -1.70
N GLU B 131 -41.29 -8.43 -2.16
CA GLU B 131 -42.78 -8.48 -2.04
C GLU B 131 -43.24 -8.54 -0.54
N LEU B 132 -42.34 -9.03 0.33
CA LEU B 132 -42.60 -9.11 1.80
C LEU B 132 -42.96 -7.71 2.42
N PHE B 133 -42.39 -6.62 1.84
CA PHE B 133 -42.58 -5.22 2.37
C PHE B 133 -43.50 -4.37 1.45
N ARG B 134 -44.48 -5.01 0.81
CA ARG B 134 -45.35 -4.31 -0.18
C ARG B 134 -46.31 -3.27 0.51
N ALA B 135 -46.71 -3.55 1.76
CA ALA B 135 -47.60 -2.63 2.56
C ALA B 135 -46.93 -1.26 2.81
N LEU B 136 -45.59 -1.25 2.92
CA LEU B 136 -44.82 0.02 3.14
C LEU B 136 -44.94 1.00 1.93
N GLY B 137 -45.17 0.45 0.72
CA GLY B 137 -45.38 1.28 -0.49
C GLY B 137 -44.16 2.09 -0.90
N CYS B 138 -42.95 1.53 -0.64
CA CYS B 138 -41.66 2.19 -1.00
C CYS B 138 -40.87 1.27 -1.92
N SER B 139 -41.51 0.85 -3.02
CA SER B 139 -40.93 -0.20 -3.90
C SER B 139 -39.61 0.24 -4.57
N GLU B 140 -39.53 1.52 -4.97
CA GLU B 140 -38.31 2.06 -5.65
C GLU B 140 -37.12 2.19 -4.68
N LEU B 141 -37.40 2.69 -3.47
CA LEU B 141 -36.35 2.79 -2.41
C LEU B 141 -35.85 1.38 -1.97
N ILE B 142 -36.80 0.48 -1.72
CA ILE B 142 -36.47 -0.90 -1.28
C ILE B 142 -35.74 -1.68 -2.41
N SER B 143 -36.16 -1.45 -3.67
CA SER B 143 -35.45 -1.99 -4.85
C SER B 143 -34.00 -1.53 -4.88
N SER B 144 -33.79 -0.22 -4.62
CA SER B 144 -32.41 0.37 -4.62
C SER B 144 -31.54 -0.19 -3.50
N ILE B 145 -32.14 -0.41 -2.31
CA ILE B 145 -31.41 -1.02 -1.16
C ILE B 145 -31.02 -2.48 -1.49
N PHE B 146 -31.97 -3.24 -2.06
CA PHE B 146 -31.68 -4.63 -2.56
C PHE B 146 -30.51 -4.63 -3.57
N ASP B 147 -30.58 -3.74 -4.58
CA ASP B 147 -29.51 -3.63 -5.63
C ASP B 147 -28.16 -3.27 -5.03
N PHE B 148 -28.16 -2.36 -4.06
CA PHE B 148 -26.93 -1.95 -3.37
C PHE B 148 -26.29 -3.14 -2.61
N SER B 149 -27.12 -3.85 -1.84
CA SER B 149 -26.67 -5.08 -1.11
C SER B 149 -26.18 -6.18 -2.08
N HIS B 150 -26.82 -6.27 -3.26
CA HIS B 150 -26.43 -7.23 -4.31
C HIS B 150 -25.02 -6.95 -4.85
N SER B 151 -24.72 -5.67 -5.13
CA SER B 151 -23.38 -5.28 -5.63
C SER B 151 -22.27 -5.47 -4.56
N LEU B 152 -22.63 -5.26 -3.28
CA LEU B 152 -21.66 -5.49 -2.15
C LEU B 152 -21.41 -6.98 -1.92
N SER B 153 -22.48 -7.80 -1.98
CA SER B 153 -22.37 -9.27 -1.74
C SER B 153 -21.50 -9.96 -2.84
N ALA B 154 -21.46 -9.34 -4.06
CA ALA B 154 -20.59 -9.83 -5.16
C ALA B 154 -19.06 -9.65 -4.87
N LEU B 155 -18.72 -8.70 -3.97
CA LEU B 155 -17.32 -8.52 -3.51
C LEU B 155 -16.85 -9.68 -2.59
N HIS B 156 -17.82 -10.34 -1.91
CA HIS B 156 -17.52 -11.46 -0.95
C HIS B 156 -16.54 -11.02 0.15
N PHE B 157 -16.86 -9.91 0.83
CA PHE B 157 -16.03 -9.37 1.93
C PHE B 157 -15.72 -10.47 2.97
N SER B 158 -14.46 -10.52 3.41
CA SER B 158 -14.12 -11.14 4.69
C SER B 158 -14.64 -10.25 5.83
N GLU B 159 -14.63 -10.77 7.05
CA GLU B 159 -15.03 -9.97 8.23
C GLU B 159 -14.05 -8.78 8.44
N ASP B 160 -12.74 -9.02 8.25
CA ASP B 160 -11.70 -7.91 8.34
C ASP B 160 -11.98 -6.83 7.34
N GLU B 161 -12.30 -7.22 6.10
CA GLU B 161 -12.49 -6.28 5.00
C GLU B 161 -13.71 -5.39 5.22
N ILE B 162 -14.85 -5.99 5.57
CA ILE B 162 -16.08 -5.21 5.81
C ILE B 162 -15.97 -4.34 7.07
N ALA B 163 -15.23 -4.83 8.09
CA ALA B 163 -14.97 -4.06 9.32
C ALA B 163 -14.21 -2.76 9.02
N LEU B 164 -13.14 -2.88 8.21
CA LEU B 164 -12.32 -1.72 7.83
C LEU B 164 -13.05 -0.81 6.85
N TYR B 165 -13.83 -1.42 5.94
CA TYR B 165 -14.64 -0.65 4.96
C TYR B 165 -15.71 0.23 5.66
N THR B 166 -16.46 -0.36 6.60
CA THR B 166 -17.51 0.37 7.39
C THR B 166 -16.87 1.41 8.35
N ALA B 167 -15.68 1.08 8.90
CA ALA B 167 -14.88 2.04 9.68
C ALA B 167 -14.55 3.29 8.84
N LEU B 168 -14.19 3.08 7.56
CA LEU B 168 -13.88 4.22 6.63
C LEU B 168 -15.14 4.98 6.17
N VAL B 169 -16.29 4.29 6.12
CA VAL B 169 -17.60 4.95 5.92
C VAL B 169 -17.88 6.01 7.05
N LEU B 170 -17.49 5.67 8.30
CA LEU B 170 -17.71 6.56 9.48
C LEU B 170 -16.63 7.62 9.60
N ILE B 171 -15.37 7.18 9.56
CA ILE B 171 -14.23 8.07 9.79
C ILE B 171 -13.85 8.74 8.47
N ASN B 172 -14.67 9.72 8.09
CA ASN B 172 -14.63 10.35 6.80
C ASN B 172 -14.61 11.86 6.98
N ALA B 173 -13.45 12.48 6.65
CA ALA B 173 -13.25 13.95 6.87
C ALA B 173 -14.09 14.80 5.91
N HIS B 174 -14.66 14.16 4.87
CA HIS B 174 -15.60 14.81 3.93
C HIS B 174 -17.06 14.81 4.52
N ARG B 175 -17.22 15.45 5.70
CA ARG B 175 -18.54 15.68 6.30
C ARG B 175 -18.66 17.16 6.70
N PRO B 176 -19.85 17.81 6.38
CA PRO B 176 -20.08 19.23 6.71
C PRO B 176 -20.06 19.52 8.22
N GLY B 177 -19.53 20.68 8.60
CA GLY B 177 -19.62 21.19 9.99
C GLY B 177 -18.59 20.62 10.94
N LEU B 178 -17.48 20.10 10.38
CA LEU B 178 -16.44 19.43 11.18
C LEU B 178 -15.49 20.50 11.86
N GLN B 179 -15.49 20.53 13.19
CA GLN B 179 -14.65 21.49 13.98
C GLN B 179 -13.13 21.13 13.91
N GLU B 180 -12.83 19.82 14.00
CA GLU B 180 -11.43 19.33 13.92
C GLU B 180 -11.28 18.44 12.68
N LYS B 181 -11.35 19.07 11.50
CA LYS B 181 -11.27 18.35 10.21
C LYS B 181 -9.94 17.62 10.07
N ARG B 182 -8.84 18.31 10.42
CA ARG B 182 -7.47 17.72 10.32
C ARG B 182 -7.29 16.46 11.23
N LYS B 183 -7.91 16.48 12.41
CA LYS B 183 -7.90 15.30 13.33
C LYS B 183 -8.59 14.07 12.68
N VAL B 184 -9.75 14.30 12.05
CA VAL B 184 -10.49 13.23 11.37
C VAL B 184 -9.72 12.74 10.12
N GLU B 185 -9.07 13.68 9.39
CA GLU B 185 -8.19 13.32 8.22
C GLU B 185 -7.07 12.37 8.63
N GLN B 186 -6.46 12.63 9.78
CA GLN B 186 -5.33 11.79 10.27
C GLN B 186 -5.81 10.37 10.72
N LEU B 187 -6.98 10.30 11.39
CA LEU B 187 -7.60 8.98 11.73
C LEU B 187 -8.06 8.23 10.48
N GLN B 188 -8.59 8.97 9.50
CA GLN B 188 -8.96 8.41 8.20
C GLN B 188 -7.76 7.81 7.52
N TYR B 189 -6.66 8.58 7.48
CA TYR B 189 -5.43 8.16 6.77
C TYR B 189 -4.92 6.81 7.27
N ASN B 190 -4.87 6.65 8.60
CA ASN B 190 -4.36 5.41 9.20
C ASN B 190 -5.25 4.21 8.96
N LEU B 191 -6.57 4.44 8.99
CA LEU B 191 -7.56 3.38 8.62
C LEU B 191 -7.45 2.99 7.13
N GLU B 192 -7.23 4.00 6.25
CA GLU B 192 -6.98 3.74 4.79
C GLU B 192 -5.70 2.95 4.57
N LEU B 193 -4.64 3.34 5.29
CA LEU B 193 -3.37 2.64 5.22
C LEU B 193 -3.50 1.18 5.71
N ALA B 194 -4.32 0.96 6.77
CA ALA B 194 -4.58 -0.41 7.32
C ALA B 194 -5.43 -1.26 6.36
N PHE B 195 -6.42 -0.63 5.76
CA PHE B 195 -7.28 -1.28 4.76
C PHE B 195 -6.47 -1.68 3.52
N HIS B 196 -5.68 -0.75 2.98
CA HIS B 196 -4.79 -1.04 1.81
C HIS B 196 -3.76 -2.11 2.16
N HIS B 197 -3.10 -1.97 3.31
CA HIS B 197 -2.10 -2.95 3.76
C HIS B 197 -2.71 -4.37 3.91
N HIS B 198 -3.91 -4.45 4.49
CA HIS B 198 -4.56 -5.77 4.73
C HIS B 198 -4.98 -6.43 3.41
N LEU B 199 -5.53 -5.64 2.50
CA LEU B 199 -5.88 -6.13 1.14
C LEU B 199 -4.66 -6.64 0.40
N CYS B 200 -3.59 -5.83 0.43
CA CYS B 200 -2.29 -6.20 -0.22
C CYS B 200 -1.69 -7.49 0.40
N LYS B 201 -1.76 -7.58 1.73
CA LYS B 201 -1.26 -8.74 2.47
C LYS B 201 -2.00 -10.08 2.08
N THR B 202 -3.33 -9.98 1.88
CA THR B 202 -4.17 -11.18 1.55
C THR B 202 -4.42 -11.36 0.01
N HIS B 203 -3.75 -10.53 -0.82
CA HIS B 203 -3.91 -10.58 -2.32
C HIS B 203 -5.38 -10.32 -2.75
N ARG B 204 -5.98 -9.28 -2.16
CA ARG B 204 -7.40 -8.92 -2.37
C ARG B 204 -7.52 -7.44 -2.84
N GLN B 205 -6.49 -6.98 -3.50
CA GLN B 205 -6.31 -5.52 -3.80
C GLN B 205 -7.14 -5.11 -5.01
N SER B 206 -7.56 -6.09 -5.82
CA SER B 206 -8.40 -5.85 -6.98
C SER B 206 -9.84 -5.39 -6.58
N ILE B 207 -10.27 -5.63 -5.31
CA ILE B 207 -11.63 -5.18 -4.86
C ILE B 207 -11.73 -3.64 -4.70
N LEU B 208 -10.57 -2.96 -4.58
CA LEU B 208 -10.53 -1.43 -4.49
C LEU B 208 -11.24 -0.76 -5.68
N ALA B 209 -11.03 -1.30 -6.90
CA ALA B 209 -11.71 -0.79 -8.12
C ALA B 209 -13.22 -1.14 -8.13
N LYS B 210 -13.56 -2.27 -7.50
CA LYS B 210 -14.96 -2.81 -7.52
C LYS B 210 -15.85 -2.17 -6.46
N LEU B 211 -15.25 -1.48 -5.47
CA LEU B 211 -16.04 -0.77 -4.42
C LEU B 211 -17.01 0.19 -5.08
N PRO B 212 -18.27 0.29 -4.52
CA PRO B 212 -19.26 1.18 -5.10
C PRO B 212 -18.80 2.66 -5.02
N PRO B 213 -19.20 3.49 -6.03
CA PRO B 213 -18.80 4.90 -5.96
C PRO B 213 -19.39 5.58 -4.75
N LYS B 214 -18.55 6.31 -3.99
CA LYS B 214 -18.98 7.00 -2.72
C LYS B 214 -20.28 7.83 -2.92
N GLY B 215 -20.42 8.45 -4.11
CA GLY B 215 -21.63 9.23 -4.45
C GLY B 215 -22.94 8.45 -4.34
N LYS B 216 -22.90 7.16 -4.73
CA LYS B 216 -24.13 6.30 -4.72
C LYS B 216 -24.57 5.93 -3.30
N LEU B 217 -23.60 5.60 -2.44
CA LEU B 217 -23.89 5.28 -1.02
C LEU B 217 -24.47 6.50 -0.29
N ARG B 218 -23.79 7.65 -0.46
CA ARG B 218 -24.27 8.94 0.10
C ARG B 218 -25.70 9.23 -0.34
N SER B 219 -25.94 9.11 -1.65
CA SER B 219 -27.26 9.45 -2.23
C SER B 219 -28.37 8.48 -1.79
N LEU B 220 -28.03 7.18 -1.73
CA LEU B 220 -28.98 6.17 -1.26
C LEU B 220 -29.36 6.40 0.21
N CYS B 221 -28.37 6.70 1.04
CA CYS B 221 -28.60 6.94 2.46
C CYS B 221 -29.42 8.22 2.69
N SER B 222 -29.15 9.26 1.90
CA SER B 222 -29.91 10.55 1.98
C SER B 222 -31.43 10.34 1.70
N GLN B 223 -31.73 9.57 0.64
CA GLN B 223 -33.12 9.20 0.31
C GLN B 223 -33.73 8.29 1.40
N HIS B 224 -32.92 7.36 1.92
CA HIS B 224 -33.36 6.40 2.93
C HIS B 224 -33.78 7.12 4.24
N VAL B 225 -32.90 7.99 4.72
CA VAL B 225 -33.13 8.73 5.97
C VAL B 225 -34.29 9.76 5.82
N GLU B 226 -34.40 10.36 4.62
CA GLU B 226 -35.55 11.27 4.29
C GLU B 226 -36.89 10.55 4.47
N ARG B 227 -37.00 9.34 3.89
CA ARG B 227 -38.24 8.55 3.94
C ARG B 227 -38.54 8.07 5.36
N LEU B 228 -37.49 7.69 6.11
CA LEU B 228 -37.66 7.30 7.54
C LEU B 228 -38.16 8.50 8.40
N GLN B 229 -37.64 9.71 8.12
CA GLN B 229 -38.07 10.95 8.86
C GLN B 229 -39.51 11.33 8.55
N ILE B 230 -39.92 11.18 7.28
CA ILE B 230 -41.33 11.40 6.85
C ILE B 230 -42.27 10.41 7.55
N PHE B 231 -41.91 9.12 7.51
CA PHE B 231 -42.64 8.06 8.27
C PHE B 231 -42.71 8.39 9.76
N GLN B 232 -41.59 8.81 10.32
CA GLN B 232 -41.50 9.14 11.77
C GLN B 232 -42.45 10.30 12.15
N HIS B 233 -42.57 11.29 11.27
CA HIS B 233 -43.46 12.43 11.51
C HIS B 233 -44.98 12.07 11.28
N LEU B 234 -45.25 11.15 10.32
CA LEU B 234 -46.66 10.66 10.07
C LEU B 234 -47.17 9.70 11.18
N HIS B 235 -46.24 8.90 11.74
CA HIS B 235 -46.58 7.91 12.79
C HIS B 235 -45.33 7.63 13.70
N PRO B 236 -45.07 8.53 14.70
CA PRO B 236 -43.80 8.46 15.45
C PRO B 236 -43.70 7.26 16.36
N ILE B 237 -42.62 6.48 16.20
CA ILE B 237 -42.23 5.50 17.22
C ILE B 237 -41.47 6.21 18.35
N VAL B 238 -41.63 5.71 19.56
CA VAL B 238 -40.94 6.24 20.73
C VAL B 238 -39.71 5.40 21.01
N VAL B 239 -38.54 5.95 20.69
CA VAL B 239 -37.27 5.30 20.96
C VAL B 239 -36.77 5.75 22.33
N GLN B 240 -36.46 4.77 23.20
CA GLN B 240 -35.67 5.03 24.39
C GLN B 240 -34.20 5.32 23.95
N ALA B 241 -33.85 6.61 23.89
CA ALA B 241 -32.59 7.04 23.23
C ALA B 241 -31.36 6.66 24.07
N ALA B 242 -30.49 5.83 23.50
CA ALA B 242 -29.20 5.47 24.14
C ALA B 242 -28.17 6.63 24.04
N PHE B 243 -28.34 7.50 23.03
CA PHE B 243 -27.36 8.57 22.72
C PHE B 243 -28.11 9.90 22.45
N PRO B 244 -28.66 10.54 23.55
CA PRO B 244 -29.67 11.64 23.43
C PRO B 244 -29.25 12.83 22.50
N PRO B 245 -27.91 13.21 22.50
CA PRO B 245 -27.48 14.32 21.58
C PRO B 245 -27.61 13.95 20.10
N LEU B 246 -27.29 12.68 19.76
CA LEU B 246 -27.44 12.17 18.39
C LEU B 246 -28.94 12.06 18.02
N TYR B 247 -29.74 11.44 18.92
CA TYR B 247 -31.22 11.36 18.77
C TYR B 247 -31.87 12.73 18.45
N LYS B 248 -31.44 13.76 19.18
CA LYS B 248 -32.02 15.13 19.03
C LYS B 248 -31.82 15.71 17.58
N GLU B 249 -30.67 15.39 16.96
CA GLU B 249 -30.38 15.85 15.56
C GLU B 249 -31.30 15.20 14.52
N LEU B 250 -31.59 13.90 14.68
CA LEU B 250 -32.34 13.11 13.65
C LEU B 250 -33.87 13.16 13.87
N PHE B 251 -34.29 13.27 15.14
CA PHE B 251 -35.72 13.30 15.50
C PHE B 251 -36.22 14.73 15.88
N SER B 252 -35.30 15.74 15.81
CA SER B 252 -35.65 17.19 16.07
C SER B 252 -36.19 17.40 17.49
#